data_6OLU
#
_entry.id   6OLU
#
_cell.length_a   45.315
_cell.length_b   80.624
_cell.length_c   82.714
_cell.angle_alpha   90.00
_cell.angle_beta   90.00
_cell.angle_gamma   90.00
#
_symmetry.space_group_name_H-M   'P 21 21 21'
#
loop_
_entity.id
_entity.type
_entity.pdbx_description
1 polymer 'Amyloid beta A4 precursor protein-binding family B member 1-interacting protein'
2 water water
#
_entity_poly.entity_id   1
_entity_poly.type   'polypeptide(L)'
_entity_poly.pdbx_seq_one_letter_code
;GSHKKLVVKVHMDDSSTKSLMVDERQLARDVLDNLFEKTHCDCNVDWCLYEIYPELQIERVFEDHENVVEVLSDWTRDTE
NKVLFLEKEERYAVFKNPQNFYLDNKGKKENKETNEKMNAKNKEYLLEESFCGTSIIVPELEGALYLKEDGKKSWKRRYF
LLRASGIYYVPKGKTKTSRDLACFIQFENVNIYYGIQCKMKYKAPTDHCFVLKHPQIQKESQYIKYLCCDDARTLSQWVM
GIRIAKYGKTLYDNYQRAVARA
;
_entity_poly.pdbx_strand_id   A
#
# COMPACT_ATOMS: atom_id res chain seq x y z
N LYS A 4 -19.50 -16.96 -7.76
CA LYS A 4 -19.12 -15.81 -8.63
C LYS A 4 -17.71 -16.02 -9.20
N LYS A 5 -17.57 -15.71 -10.50
CA LYS A 5 -16.28 -15.76 -11.16
C LYS A 5 -16.11 -14.56 -12.10
N LEU A 6 -14.88 -14.05 -12.17
CA LEU A 6 -14.54 -12.93 -13.04
C LEU A 6 -13.43 -13.33 -14.00
N VAL A 7 -13.53 -12.84 -15.24
CA VAL A 7 -12.40 -12.90 -16.17
C VAL A 7 -11.53 -11.68 -15.86
N VAL A 8 -10.29 -11.95 -15.48
CA VAL A 8 -9.34 -10.89 -15.13
C VAL A 8 -8.27 -10.80 -16.21
N LYS A 9 -8.16 -9.62 -16.81
CA LYS A 9 -7.12 -9.35 -17.80
C LYS A 9 -5.89 -8.81 -17.08
N VAL A 10 -4.79 -9.56 -17.14
CA VAL A 10 -3.55 -9.19 -16.48
C VAL A 10 -2.58 -8.63 -17.52
N HIS A 11 -2.16 -7.38 -17.34
CA HIS A 11 -1.32 -6.68 -18.31
C HIS A 11 0.15 -6.85 -17.99
N MET A 12 0.91 -7.31 -18.99
CA MET A 12 2.31 -7.66 -18.84
C MET A 12 3.23 -6.48 -19.20
N ASP A 13 4.50 -6.58 -18.78
CA ASP A 13 5.53 -5.59 -19.06
CA ASP A 13 5.51 -5.56 -19.06
C ASP A 13 5.79 -5.38 -20.55
N ASP A 14 5.63 -6.45 -21.34
CA ASP A 14 5.83 -6.42 -22.79
C ASP A 14 4.56 -6.03 -23.57
N SER A 15 3.61 -5.43 -22.86
CA SER A 15 2.29 -5.01 -23.38
C SER A 15 1.33 -6.14 -23.85
N SER A 16 1.72 -7.39 -23.68
CA SER A 16 0.79 -8.51 -23.88
C SER A 16 -0.19 -8.59 -22.69
N THR A 17 -1.26 -9.35 -22.87
CA THR A 17 -2.27 -9.55 -21.82
C THR A 17 -2.54 -11.03 -21.62
N LYS A 18 -2.79 -11.42 -20.38
CA LYS A 18 -3.18 -12.79 -20.06
C LYS A 18 -4.50 -12.76 -19.31
N SER A 19 -5.51 -13.41 -19.89
CA SER A 19 -6.84 -13.45 -19.30
C SER A 19 -7.03 -14.73 -18.52
N LEU A 20 -7.40 -14.56 -17.25
CA LEU A 20 -7.56 -15.68 -16.35
C LEU A 20 -8.97 -15.68 -15.77
N MET A 21 -9.57 -16.87 -15.72
CA MET A 21 -10.82 -17.06 -14.99
C MET A 21 -10.54 -17.22 -13.51
N VAL A 22 -11.05 -16.27 -12.72
CA VAL A 22 -10.76 -16.18 -11.30
C VAL A 22 -12.07 -16.31 -10.52
N ASP A 23 -12.21 -17.37 -9.75
CA ASP A 23 -13.40 -17.55 -8.90
C ASP A 23 -13.29 -16.80 -7.56
N GLU A 24 -14.39 -16.74 -6.82
CA GLU A 24 -14.51 -16.10 -5.49
C GLU A 24 -13.49 -16.51 -4.41
N ARG A 25 -12.88 -17.68 -4.56
CA ARG A 25 -11.98 -18.24 -3.56
C ARG A 25 -10.50 -17.81 -3.75
N GLN A 26 -10.17 -17.34 -4.95
CA GLN A 26 -8.79 -17.05 -5.30
C GLN A 26 -8.24 -15.79 -4.64
N LEU A 27 -7.06 -15.93 -4.06
CA LEU A 27 -6.32 -14.79 -3.54
C LEU A 27 -5.33 -14.32 -4.60
N ALA A 28 -4.83 -13.10 -4.44
CA ALA A 28 -3.71 -12.58 -5.25
C ALA A 28 -2.57 -13.60 -5.33
N ARG A 29 -2.29 -14.23 -4.19
CA ARG A 29 -1.31 -15.33 -4.08
C ARG A 29 -1.53 -16.44 -5.11
N ASP A 30 -2.80 -16.84 -5.30
CA ASP A 30 -3.15 -17.89 -6.28
C ASP A 30 -2.97 -17.42 -7.73
N VAL A 31 -3.35 -16.17 -8.01
CA VAL A 31 -3.21 -15.60 -9.35
C VAL A 31 -1.73 -15.48 -9.72
N LEU A 32 -0.90 -15.02 -8.77
CA LEU A 32 0.56 -14.99 -8.94
C LEU A 32 1.18 -16.36 -9.24
N ASP A 33 0.78 -17.38 -8.48
CA ASP A 33 1.23 -18.76 -8.71
C ASP A 33 0.93 -19.21 -10.15
N ASN A 34 -0.31 -18.96 -10.60
CA ASN A 34 -0.74 -19.21 -11.98
C ASN A 34 0.14 -18.48 -13.01
N LEU A 35 0.39 -17.19 -12.77
CA LEU A 35 1.22 -16.36 -13.66
C LEU A 35 2.69 -16.80 -13.71
N PHE A 36 3.21 -17.24 -12.56
CA PHE A 36 4.57 -17.80 -12.47
C PHE A 36 4.72 -19.03 -13.38
N GLU A 37 3.70 -19.88 -13.39
CA GLU A 37 3.65 -21.08 -14.23
C GLU A 37 3.56 -20.75 -15.72
N LYS A 38 2.71 -19.78 -16.06
CA LYS A 38 2.46 -19.37 -17.44
C LYS A 38 3.60 -18.57 -18.07
N THR A 39 4.29 -17.75 -17.27
CA THR A 39 5.33 -16.84 -17.77
C THR A 39 6.75 -17.40 -17.65
N HIS A 40 6.93 -18.44 -16.82
CA HIS A 40 8.24 -19.02 -16.47
C HIS A 40 9.25 -17.99 -15.90
N CYS A 41 8.73 -16.97 -15.21
CA CYS A 41 9.57 -15.92 -14.60
C CYS A 41 10.40 -16.48 -13.43
N ASP A 42 11.35 -15.70 -12.93
CA ASP A 42 12.27 -16.17 -11.88
C ASP A 42 11.64 -16.38 -10.50
N CYS A 43 10.36 -16.01 -10.36
CA CYS A 43 9.56 -16.17 -9.13
C CYS A 43 10.13 -15.42 -7.92
N ASN A 44 10.83 -14.30 -8.14
CA ASN A 44 11.36 -13.50 -7.04
C ASN A 44 10.24 -12.81 -6.26
N VAL A 45 10.53 -12.42 -5.02
CA VAL A 45 9.51 -11.89 -4.09
C VAL A 45 8.87 -10.54 -4.51
N ASP A 46 9.48 -9.84 -5.47
CA ASP A 46 9.01 -8.52 -5.90
C ASP A 46 7.86 -8.55 -6.90
N TRP A 47 7.69 -9.67 -7.61
CA TRP A 47 6.58 -9.86 -8.56
C TRP A 47 5.25 -9.73 -7.82
N CYS A 48 4.34 -8.93 -8.36
CA CYS A 48 3.06 -8.70 -7.70
C CYS A 48 1.98 -8.35 -8.70
N LEU A 49 0.73 -8.42 -8.22
CA LEU A 49 -0.37 -7.77 -8.91
C LEU A 49 -0.42 -6.33 -8.44
N TYR A 50 -0.71 -5.44 -9.38
CA TYR A 50 -0.59 -3.99 -9.20
C TYR A 50 -1.81 -3.34 -9.85
N GLU A 51 -2.59 -2.64 -9.03
CA GLU A 51 -3.85 -2.04 -9.44
C GLU A 51 -3.62 -0.60 -9.90
N ILE A 52 -4.09 -0.28 -11.11
CA ILE A 52 -3.99 1.08 -11.67
C ILE A 52 -5.39 1.68 -11.83
N TYR A 53 -5.56 2.91 -11.33
CA TYR A 53 -6.71 3.75 -11.64
C TYR A 53 -6.25 4.87 -12.57
N PRO A 54 -6.46 4.73 -13.90
CA PRO A 54 -6.02 5.78 -14.83
C PRO A 54 -6.68 7.14 -14.62
N GLU A 55 -7.98 7.17 -14.29
CA GLU A 55 -8.75 8.41 -14.16
C GLU A 55 -8.36 9.21 -12.91
N LEU A 56 -8.31 8.52 -11.77
CA LEU A 56 -7.88 9.12 -10.51
C LEU A 56 -6.37 9.34 -10.44
N GLN A 57 -5.62 8.60 -11.27
CA GLN A 57 -4.15 8.58 -11.26
C GLN A 57 -3.60 8.16 -9.90
N ILE A 58 -4.10 7.01 -9.44
CA ILE A 58 -3.59 6.34 -8.24
C ILE A 58 -3.28 4.88 -8.57
N GLU A 59 -2.46 4.27 -7.74
CA GLU A 59 -1.97 2.90 -7.96
C GLU A 59 -1.43 2.31 -6.67
N ARG A 60 -1.53 0.99 -6.55
CA ARG A 60 -1.05 0.26 -5.38
C ARG A 60 -0.75 -1.19 -5.74
N VAL A 61 0.12 -1.81 -4.94
CA VAL A 61 0.29 -3.26 -4.96
C VAL A 61 -0.97 -3.91 -4.38
N PHE A 62 -1.38 -5.06 -4.93
CA PHE A 62 -2.29 -5.97 -4.22
C PHE A 62 -1.42 -6.61 -3.16
N GLU A 63 -1.94 -6.79 -1.95
CA GLU A 63 -1.29 -7.67 -0.99
C GLU A 63 -1.68 -9.11 -1.34
N ASP A 64 -0.78 -10.05 -1.08
CA ASP A 64 -0.93 -11.43 -1.56
C ASP A 64 -2.14 -12.19 -1.01
N HIS A 65 -2.59 -11.81 0.18
CA HIS A 65 -3.73 -12.47 0.85
C HIS A 65 -5.08 -11.92 0.36
N GLU A 66 -5.06 -10.83 -0.39
CA GLU A 66 -6.29 -10.15 -0.81
C GLU A 66 -7.11 -10.99 -1.79
N ASN A 67 -8.43 -10.96 -1.60
CA ASN A 67 -9.37 -11.66 -2.46
C ASN A 67 -9.57 -10.85 -3.76
N VAL A 68 -9.21 -11.46 -4.89
CA VAL A 68 -9.18 -10.76 -6.18
C VAL A 68 -10.55 -10.25 -6.63
N VAL A 69 -11.55 -11.14 -6.60
CA VAL A 69 -12.95 -10.80 -6.93
C VAL A 69 -13.48 -9.66 -6.04
N GLU A 70 -13.19 -9.74 -4.74
CA GLU A 70 -13.60 -8.70 -3.79
C GLU A 70 -13.02 -7.34 -4.18
N VAL A 71 -11.72 -7.30 -4.49
CA VAL A 71 -11.05 -6.07 -4.95
C VAL A 71 -11.69 -5.55 -6.25
N LEU A 72 -11.78 -6.41 -7.26
CA LEU A 72 -12.28 -6.00 -8.59
C LEU A 72 -13.79 -5.70 -8.64
N SER A 73 -14.55 -6.26 -7.69
CA SER A 73 -16.01 -5.99 -7.62
C SER A 73 -16.36 -4.53 -7.31
N ASP A 74 -15.41 -3.76 -6.78
CA ASP A 74 -15.60 -2.32 -6.55
C ASP A 74 -15.53 -1.48 -7.83
N TRP A 75 -14.86 -2.01 -8.85
CA TRP A 75 -14.72 -1.33 -10.15
C TRP A 75 -16.09 -1.13 -10.81
N THR A 76 -16.26 0.03 -11.46
CA THR A 76 -17.51 0.35 -12.18
C THR A 76 -17.63 -0.47 -13.46
N ARG A 77 -18.81 -0.44 -14.07
CA ARG A 77 -19.05 -1.12 -15.35
C ARG A 77 -18.17 -0.61 -16.48
N ASP A 78 -17.99 0.71 -16.54
CA ASP A 78 -17.23 1.39 -17.59
C ASP A 78 -15.78 1.70 -17.18
N THR A 79 -15.26 0.93 -16.23
CA THR A 79 -13.96 1.22 -15.59
C THR A 79 -12.77 1.24 -16.54
N GLU A 80 -11.85 2.18 -16.28
CA GLU A 80 -10.54 2.21 -16.95
C GLU A 80 -9.48 1.45 -16.14
N ASN A 81 -9.84 1.00 -14.94
CA ASN A 81 -8.89 0.32 -14.05
C ASN A 81 -8.28 -0.93 -14.68
N LYS A 82 -7.02 -1.19 -14.35
CA LYS A 82 -6.24 -2.30 -14.89
C LYS A 82 -5.49 -3.03 -13.79
N VAL A 83 -5.24 -4.32 -14.00
CA VAL A 83 -4.36 -5.11 -13.15
C VAL A 83 -3.08 -5.40 -13.95
N LEU A 84 -1.94 -5.00 -13.39
CA LEU A 84 -0.63 -5.29 -14.00
C LEU A 84 0.13 -6.36 -13.22
N PHE A 85 0.90 -7.17 -13.94
CA PHE A 85 1.86 -8.10 -13.34
C PHE A 85 3.23 -7.46 -13.53
N LEU A 86 3.86 -7.06 -12.42
CA LEU A 86 5.15 -6.37 -12.44
C LEU A 86 5.96 -6.58 -11.17
N GLU A 87 7.24 -6.18 -11.22
CA GLU A 87 8.11 -6.21 -10.05
C GLU A 87 8.03 -4.89 -9.30
N LYS A 88 7.65 -4.94 -8.02
CA LYS A 88 7.73 -3.77 -7.14
C LYS A 88 8.52 -4.09 -5.88
N GLU A 89 9.82 -3.80 -5.93
CA GLU A 89 10.76 -4.14 -4.85
C GLU A 89 10.49 -3.44 -3.52
N GLU A 90 9.63 -2.42 -3.55
CA GLU A 90 9.16 -1.69 -2.36
C GLU A 90 8.23 -2.55 -1.49
N ARG A 91 7.52 -3.51 -2.10
CA ARG A 91 6.44 -4.22 -1.41
C ARG A 91 6.90 -4.94 -0.13
N TYR A 92 8.06 -5.59 -0.18
CA TYR A 92 8.64 -6.28 0.98
C TYR A 92 9.98 -5.70 1.45
N ALA A 93 10.17 -4.38 1.24
CA ALA A 93 11.42 -3.69 1.61
C ALA A 93 11.81 -3.88 3.09
N VAL A 94 10.81 -3.80 3.98
CA VAL A 94 11.02 -3.97 5.43
C VAL A 94 11.59 -5.36 5.79
N PHE A 95 11.19 -6.38 5.05
CA PHE A 95 11.61 -7.74 5.33
C PHE A 95 13.02 -8.02 4.82
N LYS A 96 13.39 -7.35 3.73
CA LYS A 96 14.75 -7.43 3.19
C LYS A 96 15.71 -6.61 4.04
N ASN A 97 15.29 -5.40 4.41
CA ASN A 97 16.13 -4.45 5.13
C ASN A 97 15.38 -3.77 6.30
N PRO A 98 15.15 -4.51 7.42
CA PRO A 98 14.36 -3.93 8.53
C PRO A 98 15.01 -2.71 9.19
N GLN A 99 16.34 -2.67 9.16
CA GLN A 99 17.13 -1.54 9.70
C GLN A 99 16.80 -0.19 9.06
N ASN A 100 16.30 -0.22 7.81
CA ASN A 100 15.95 0.99 7.07
C ASN A 100 14.58 1.55 7.43
N PHE A 101 13.84 0.83 8.28
CA PHE A 101 12.50 1.24 8.71
C PHE A 101 12.35 1.28 10.23
N TYR A 102 13.02 0.35 10.92
CA TYR A 102 13.01 0.30 12.40
C TYR A 102 14.28 0.92 12.97
N MET A 118 23.32 -4.03 7.98
CA MET A 118 22.98 -4.99 9.04
C MET A 118 23.18 -6.43 8.54
N ASN A 119 23.78 -7.26 9.40
CA ASN A 119 23.98 -8.69 9.13
C ASN A 119 22.68 -9.49 9.29
N ALA A 120 22.68 -10.70 8.73
CA ALA A 120 21.50 -11.59 8.72
C ALA A 120 20.95 -11.91 10.11
N LYS A 121 21.85 -12.13 11.08
CA LYS A 121 21.48 -12.46 12.45
C LYS A 121 20.72 -11.33 13.15
N ASN A 122 21.20 -10.10 12.97
CA ASN A 122 20.56 -8.91 13.55
C ASN A 122 19.26 -8.51 12.84
N LYS A 123 19.21 -8.73 11.52
CA LYS A 123 17.99 -8.56 10.73
C LYS A 123 16.89 -9.51 11.21
N GLU A 124 17.26 -10.78 11.38
CA GLU A 124 16.33 -11.84 11.82
C GLU A 124 15.79 -11.55 13.23
N TYR A 125 16.68 -11.14 14.13
CA TYR A 125 16.29 -10.77 15.50
C TYR A 125 15.30 -9.60 15.51
N LEU A 126 15.54 -8.61 14.65
CA LEU A 126 14.69 -7.42 14.54
C LEU A 126 13.27 -7.76 14.05
N LEU A 127 13.19 -8.62 13.04
CA LEU A 127 11.92 -9.03 12.44
C LEU A 127 11.12 -9.94 13.38
N GLU A 128 11.83 -10.83 14.07
CA GLU A 128 11.27 -11.67 15.13
C GLU A 128 10.65 -10.80 16.22
N GLU A 129 11.39 -9.78 16.67
CA GLU A 129 10.92 -8.80 17.66
C GLU A 129 9.71 -8.02 17.17
N SER A 130 9.72 -7.63 15.89
CA SER A 130 8.70 -6.73 15.32
C SER A 130 7.43 -7.42 14.84
N PHE A 131 7.53 -8.71 14.48
CA PHE A 131 6.42 -9.43 13.84
C PHE A 131 5.94 -10.71 14.54
N CYS A 132 6.83 -11.32 15.32
CA CYS A 132 6.56 -12.65 15.90
C CYS A 132 6.11 -12.67 17.38
N GLY A 133 6.07 -11.50 18.02
CA GLY A 133 5.53 -11.36 19.39
C GLY A 133 4.02 -11.44 19.44
N THR A 134 3.44 -11.12 20.59
CA THR A 134 1.97 -11.20 20.79
C THR A 134 1.21 -10.18 19.95
N SER A 135 1.79 -8.99 19.84
CA SER A 135 1.28 -7.94 18.96
C SER A 135 2.39 -7.45 18.04
N ILE A 136 1.99 -6.87 16.91
CA ILE A 136 2.93 -6.31 15.94
C ILE A 136 3.55 -5.02 16.50
N ILE A 137 4.83 -4.80 16.18
CA ILE A 137 5.48 -3.53 16.48
C ILE A 137 5.67 -2.76 15.18
N VAL A 138 4.96 -1.64 15.09
CA VAL A 138 4.97 -0.75 13.94
C VAL A 138 6.21 0.17 14.08
N PRO A 139 6.90 0.52 12.96
CA PRO A 139 8.00 1.50 13.05
C PRO A 139 7.61 2.81 13.75
N GLU A 140 8.53 3.38 14.52
CA GLU A 140 8.29 4.60 15.31
C GLU A 140 8.29 5.84 14.43
N LEU A 141 7.36 5.89 13.47
CA LEU A 141 7.37 6.91 12.43
C LEU A 141 6.49 8.09 12.77
N GLU A 142 7.10 9.28 12.73
CA GLU A 142 6.40 10.54 12.90
C GLU A 142 7.05 11.65 12.08
N GLY A 143 6.27 12.67 11.75
CA GLY A 143 6.78 13.79 10.94
C GLY A 143 5.68 14.61 10.29
N ALA A 144 6.07 15.74 9.71
CA ALA A 144 5.12 16.62 9.06
C ALA A 144 4.88 16.20 7.60
N LEU A 145 3.60 16.15 7.24
CA LEU A 145 3.16 15.88 5.87
C LEU A 145 2.24 17.03 5.46
N TYR A 146 2.00 17.16 4.16
CA TYR A 146 1.03 18.12 3.64
C TYR A 146 -0.26 17.40 3.33
N LEU A 147 -1.35 17.85 3.94
CA LEU A 147 -2.68 17.31 3.69
C LEU A 147 -3.45 18.25 2.76
N LYS A 148 -3.95 17.68 1.66
CA LYS A 148 -4.73 18.43 0.67
C LYS A 148 -6.10 18.80 1.25
N GLU A 149 -6.50 20.05 1.07
CA GLU A 149 -7.84 20.51 1.47
C GLU A 149 -8.87 20.00 0.48
N ASP A 150 -10.01 19.51 0.99
CA ASP A 150 -11.07 18.88 0.17
C ASP A 150 -11.57 19.81 -0.94
N GLY A 151 -11.46 19.35 -2.18
CA GLY A 151 -11.93 20.07 -3.37
C GLY A 151 -11.13 21.29 -3.81
N LYS A 152 -10.01 21.54 -3.13
CA LYS A 152 -9.20 22.74 -3.35
C LYS A 152 -7.76 22.41 -3.75
N LYS A 153 -7.17 23.27 -4.58
CA LYS A 153 -5.74 23.19 -4.90
C LYS A 153 -4.94 23.84 -3.77
N SER A 154 -5.06 23.28 -2.57
CA SER A 154 -4.52 23.87 -1.34
C SER A 154 -4.10 22.79 -0.37
N TRP A 155 -2.96 23.03 0.29
CA TRP A 155 -2.29 22.02 1.12
C TRP A 155 -1.92 22.61 2.48
N LYS A 156 -2.03 21.79 3.53
CA LYS A 156 -1.74 22.25 4.88
C LYS A 156 -0.77 21.32 5.60
N ARG A 157 0.32 21.89 6.13
CA ARG A 157 1.35 21.13 6.82
C ARG A 157 0.83 20.70 8.19
N ARG A 158 0.90 19.40 8.46
CA ARG A 158 0.43 18.83 9.71
C ARG A 158 1.39 17.76 10.21
N TYR A 159 1.64 17.77 11.51
CA TYR A 159 2.52 16.77 12.13
C TYR A 159 1.72 15.50 12.43
N PHE A 160 2.19 14.37 11.88
CA PHE A 160 1.48 13.10 12.00
C PHE A 160 2.31 12.01 12.69
N LEU A 161 1.62 11.06 13.30
CA LEU A 161 2.26 9.96 14.03
C LEU A 161 1.64 8.64 13.61
N LEU A 162 2.50 7.71 13.18
CA LEU A 162 2.03 6.39 12.76
C LEU A 162 1.75 5.48 13.96
N ARG A 163 0.57 4.89 13.97
CA ARG A 163 0.22 3.83 14.93
C ARG A 163 -0.35 2.63 14.17
N ALA A 164 -0.44 1.48 14.84
CA ALA A 164 -1.03 0.26 14.27
C ALA A 164 -2.44 0.49 13.70
N SER A 165 -3.23 1.28 14.43
CA SER A 165 -4.65 1.47 14.12
C SER A 165 -4.93 2.62 13.15
N GLY A 166 -3.97 3.52 12.98
CA GLY A 166 -4.18 4.69 12.11
C GLY A 166 -3.12 5.75 12.19
N ILE A 167 -3.38 6.86 11.50
CA ILE A 167 -2.55 8.06 11.58
C ILE A 167 -3.14 8.95 12.67
N TYR A 168 -2.28 9.33 13.61
CA TYR A 168 -2.66 10.15 14.75
C TYR A 168 -1.97 11.51 14.72
N TYR A 169 -2.47 12.44 15.55
CA TYR A 169 -1.92 13.79 15.67
C TYR A 169 -2.13 14.33 17.10
N VAL A 170 -1.34 15.34 17.46
CA VAL A 170 -1.49 16.03 18.74
C VAL A 170 -2.40 17.25 18.52
N PRO A 171 -3.55 17.31 19.22
CA PRO A 171 -4.39 18.53 19.16
C PRO A 171 -3.66 19.73 19.74
N LYS A 172 -3.98 20.93 19.24
CA LYS A 172 -3.40 22.18 19.72
C LYS A 172 -3.66 22.35 21.22
N GLY A 173 -2.57 22.51 21.98
CA GLY A 173 -2.65 22.67 23.44
C GLY A 173 -2.61 21.38 24.23
N LYS A 174 -2.53 20.25 23.54
CA LYS A 174 -2.46 18.92 24.18
C LYS A 174 -1.05 18.33 24.14
N THR A 175 -0.89 17.14 24.75
CA THR A 175 0.41 16.48 24.86
C THR A 175 0.52 15.27 23.92
N LYS A 176 1.74 14.81 23.68
CA LYS A 176 2.01 13.62 22.88
C LYS A 176 1.91 12.36 23.76
N THR A 177 0.70 12.07 24.23
CA THR A 177 0.41 10.92 25.09
C THR A 177 -0.84 10.17 24.62
N SER A 178 -0.97 8.91 25.02
CA SER A 178 -2.14 8.07 24.70
C SER A 178 -3.46 8.67 25.22
N ARG A 179 -3.37 9.46 26.30
CA ARG A 179 -4.51 10.23 26.81
C ARG A 179 -5.02 11.23 25.74
N ASP A 180 -4.09 11.96 25.14
CA ASP A 180 -4.41 13.11 24.29
C ASP A 180 -4.40 12.89 22.77
N LEU A 181 -3.66 11.89 22.28
CA LEU A 181 -3.54 11.65 20.83
C LEU A 181 -4.89 11.46 20.17
N ALA A 182 -5.12 12.22 19.11
CA ALA A 182 -6.36 12.18 18.33
C ALA A 182 -6.14 11.47 17.00
N CYS A 183 -7.14 10.75 16.55
CA CYS A 183 -7.05 9.98 15.32
C CYS A 183 -7.48 10.81 14.10
N PHE A 184 -6.57 10.92 13.13
CA PHE A 184 -6.88 11.51 11.84
C PHE A 184 -7.67 10.52 10.98
N ILE A 185 -7.14 9.31 10.82
CA ILE A 185 -7.75 8.26 10.01
C ILE A 185 -7.38 6.90 10.57
N GLN A 186 -8.33 5.97 10.53
CA GLN A 186 -8.07 4.56 10.83
C GLN A 186 -7.78 3.80 9.53
N PHE A 187 -6.91 2.79 9.62
CA PHE A 187 -6.53 2.01 8.43
C PHE A 187 -7.53 0.93 8.04
N GLU A 188 -8.37 0.52 8.98
CA GLU A 188 -9.30 -0.60 8.80
C GLU A 188 -10.08 -0.62 7.47
N ASN A 189 -10.69 0.51 7.11
CA ASN A 189 -11.59 0.60 5.95
C ASN A 189 -11.03 1.37 4.74
N VAL A 190 -9.72 1.56 4.75
CA VAL A 190 -9.03 2.42 3.79
C VAL A 190 -7.84 1.66 3.20
N ASN A 191 -7.63 1.75 1.88
CA ASN A 191 -6.39 1.28 1.23
C ASN A 191 -5.42 2.46 1.07
N ILE A 192 -4.13 2.14 0.95
CA ILE A 192 -3.11 3.14 0.66
C ILE A 192 -2.62 2.99 -0.79
N TYR A 193 -2.54 4.12 -1.49
CA TYR A 193 -2.14 4.19 -2.90
C TYR A 193 -1.04 5.22 -3.09
N TYR A 194 -0.26 5.09 -4.17
CA TYR A 194 0.58 6.19 -4.64
C TYR A 194 -0.31 7.17 -5.41
N GLY A 195 -0.08 8.47 -5.17
CA GLY A 195 -0.73 9.53 -5.94
C GLY A 195 0.21 9.99 -7.04
N ILE A 196 -0.31 10.05 -8.27
CA ILE A 196 0.50 10.38 -9.44
C ILE A 196 0.12 11.76 -9.98
N GLN A 197 1.13 12.56 -10.29
CA GLN A 197 0.97 13.92 -10.85
C GLN A 197 0.15 14.89 -9.97
N CYS A 198 0.24 14.74 -8.65
CA CYS A 198 -0.48 15.63 -7.72
C CYS A 198 0.11 17.05 -7.70
N LYS A 199 1.38 17.18 -8.06
CA LYS A 199 2.01 18.50 -8.21
C LYS A 199 1.33 19.30 -9.33
N MET A 200 1.20 18.70 -10.51
CA MET A 200 0.57 19.35 -11.66
C MET A 200 -0.92 19.58 -11.46
N LYS A 201 -1.63 18.55 -11.02
CA LYS A 201 -3.09 18.60 -10.86
C LYS A 201 -3.56 19.53 -9.73
N TYR A 202 -2.93 19.41 -8.56
CA TYR A 202 -3.45 20.02 -7.33
C TYR A 202 -2.53 21.01 -6.63
N LYS A 203 -1.40 21.33 -7.27
CA LYS A 203 -0.34 22.19 -6.68
C LYS A 203 0.23 21.60 -5.39
N ALA A 204 0.36 20.28 -5.33
CA ALA A 204 1.11 19.64 -4.24
C ALA A 204 2.53 20.19 -4.24
N PRO A 205 3.12 20.46 -3.05
CA PRO A 205 4.51 20.95 -2.99
C PRO A 205 5.52 20.05 -3.72
N THR A 206 5.30 18.73 -3.69
CA THR A 206 6.14 17.76 -4.42
C THR A 206 5.26 16.70 -5.07
N ASP A 207 5.88 15.79 -5.83
CA ASP A 207 5.18 14.63 -6.36
C ASP A 207 5.32 13.34 -5.53
N HIS A 208 5.87 13.46 -4.32
CA HIS A 208 6.02 12.29 -3.45
C HIS A 208 4.76 12.16 -2.59
N CYS A 209 3.70 11.65 -3.22
CA CYS A 209 2.37 11.66 -2.62
C CYS A 209 1.81 10.25 -2.40
N PHE A 210 1.14 10.07 -1.27
CA PHE A 210 0.32 8.88 -1.08
C PHE A 210 -1.14 9.27 -0.83
N VAL A 211 -2.03 8.30 -1.06
CA VAL A 211 -3.46 8.55 -1.03
C VAL A 211 -4.14 7.49 -0.16
N LEU A 212 -5.03 7.94 0.72
CA LEU A 212 -5.86 7.04 1.50
C LEU A 212 -7.30 7.17 1.04
N LYS A 213 -7.89 6.04 0.63
CA LYS A 213 -9.32 6.02 0.25
C LYS A 213 -9.96 4.66 0.44
N HIS A 214 -11.26 4.69 0.71
CA HIS A 214 -12.08 3.49 0.79
C HIS A 214 -12.03 2.79 -0.56
N PRO A 215 -11.84 1.44 -0.57
CA PRO A 215 -11.74 0.70 -1.83
C PRO A 215 -12.92 0.94 -2.78
N GLN A 216 -14.09 1.24 -2.22
CA GLN A 216 -15.34 1.44 -2.98
C GLN A 216 -15.39 2.71 -3.84
N ILE A 217 -14.61 3.72 -3.47
CA ILE A 217 -14.58 4.99 -4.21
C ILE A 217 -13.83 4.83 -5.53
N GLN A 218 -14.50 5.19 -6.63
CA GLN A 218 -13.97 4.95 -7.98
C GLN A 218 -13.86 6.20 -8.86
N LYS A 219 -14.24 7.35 -8.31
CA LYS A 219 -14.21 8.63 -9.02
C LYS A 219 -13.82 9.76 -8.05
N GLU A 220 -13.65 10.97 -8.59
CA GLU A 220 -13.36 12.19 -7.81
C GLU A 220 -14.29 12.30 -6.60
N SER A 221 -13.70 12.56 -5.44
CA SER A 221 -14.43 12.61 -4.16
C SER A 221 -13.63 13.31 -3.07
N GLN A 222 -14.34 14.11 -2.26
CA GLN A 222 -13.80 14.73 -1.04
C GLN A 222 -13.30 13.70 -0.02
N TYR A 223 -13.86 12.49 -0.07
CA TYR A 223 -13.55 11.41 0.86
C TYR A 223 -12.15 10.81 0.64
N ILE A 224 -11.58 11.08 -0.54
CA ILE A 224 -10.23 10.67 -0.87
C ILE A 224 -9.26 11.63 -0.18
N LYS A 225 -8.30 11.08 0.58
CA LYS A 225 -7.32 11.89 1.32
C LYS A 225 -5.94 11.86 0.63
N TYR A 226 -5.43 13.05 0.31
CA TYR A 226 -4.14 13.20 -0.39
C TYR A 226 -3.09 13.76 0.55
N LEU A 227 -1.95 13.07 0.62
CA LEU A 227 -0.85 13.43 1.51
C LEU A 227 0.46 13.53 0.76
N CYS A 228 1.11 14.68 0.88
CA CYS A 228 2.34 14.97 0.16
C CYS A 228 3.52 14.93 1.13
N CYS A 229 4.57 14.23 0.72
CA CYS A 229 5.83 14.18 1.49
C CYS A 229 6.87 15.12 0.86
N ASP A 230 7.73 15.69 1.69
CA ASP A 230 8.81 16.56 1.21
C ASP A 230 9.84 15.83 0.34
N ASP A 231 9.95 14.52 0.58
CA ASP A 231 11.10 13.72 0.23
C ASP A 231 10.63 12.41 -0.40
N ALA A 232 11.45 11.83 -1.28
CA ALA A 232 11.21 10.46 -1.78
C ALA A 232 11.35 9.43 -0.65
N ARG A 233 12.36 9.63 0.20
CA ARG A 233 12.57 8.77 1.37
C ARG A 233 11.36 8.80 2.33
N THR A 234 10.84 9.99 2.60
CA THR A 234 9.66 10.14 3.47
C THR A 234 8.46 9.35 2.92
N LEU A 235 8.22 9.45 1.61
CA LEU A 235 7.16 8.66 0.96
C LEU A 235 7.36 7.15 1.19
N SER A 236 8.57 6.66 0.94
CA SER A 236 8.93 5.26 1.11
C SER A 236 8.68 4.77 2.55
N GLN A 237 9.13 5.56 3.53
CA GLN A 237 8.91 5.29 4.95
C GLN A 237 7.41 5.18 5.30
N TRP A 238 6.62 6.15 4.82
CA TRP A 238 5.18 6.18 5.13
C TRP A 238 4.35 5.09 4.45
N VAL A 239 4.63 4.79 3.18
CA VAL A 239 3.92 3.72 2.46
C VAL A 239 4.22 2.36 3.10
N MET A 240 5.50 2.07 3.37
CA MET A 240 5.89 0.84 4.05
C MET A 240 5.29 0.75 5.47
N GLY A 241 5.38 1.86 6.21
CA GLY A 241 4.88 1.94 7.58
C GLY A 241 3.38 1.70 7.71
N ILE A 242 2.61 2.39 6.87
CA ILE A 242 1.15 2.22 6.84
C ILE A 242 0.76 0.78 6.47
N ARG A 243 1.48 0.19 5.50
CA ARG A 243 1.22 -1.20 5.09
C ARG A 243 1.51 -2.22 6.20
N ILE A 244 2.61 -2.00 6.94
CA ILE A 244 2.89 -2.78 8.17
C ILE A 244 1.75 -2.63 9.18
N ALA A 245 1.33 -1.40 9.43
CA ALA A 245 0.26 -1.10 10.38
C ALA A 245 -1.08 -1.73 9.99
N LYS A 246 -1.46 -1.56 8.72
CA LYS A 246 -2.75 -2.04 8.21
C LYS A 246 -2.82 -3.57 8.15
N TYR A 247 -1.79 -4.20 7.59
CA TYR A 247 -1.81 -5.64 7.33
C TYR A 247 -1.19 -6.51 8.42
N GLY A 248 -0.30 -5.92 9.23
CA GLY A 248 0.27 -6.58 10.41
C GLY A 248 0.97 -7.89 10.12
N LYS A 249 0.66 -8.91 10.91
CA LYS A 249 1.28 -10.25 10.78
C LYS A 249 1.06 -10.91 9.44
N THR A 250 -0.08 -10.63 8.82
CA THR A 250 -0.42 -11.15 7.49
C THR A 250 0.64 -10.76 6.46
N LEU A 251 1.16 -9.53 6.56
CA LEU A 251 2.23 -9.04 5.67
C LEU A 251 3.52 -9.88 5.79
N TYR A 252 3.87 -10.21 7.04
CA TYR A 252 5.00 -11.09 7.36
C TYR A 252 4.77 -12.50 6.81
N ASP A 253 3.56 -13.04 7.03
CA ASP A 253 3.13 -14.33 6.48
C ASP A 253 3.19 -14.34 4.95
N ASN A 254 2.72 -13.25 4.34
CA ASN A 254 2.81 -13.04 2.90
C ASN A 254 4.26 -13.13 2.42
N TYR A 255 5.16 -12.44 3.12
CA TYR A 255 6.59 -12.50 2.79
C TYR A 255 7.15 -13.92 2.88
N GLN A 256 6.87 -14.63 3.99
CA GLN A 256 7.31 -16.03 4.16
C GLN A 256 6.85 -16.94 3.01
N ARG A 257 5.59 -16.78 2.62
CA ARG A 257 5.00 -17.53 1.50
C ARG A 257 5.70 -17.22 0.17
N ALA A 258 6.06 -15.95 -0.03
CA ALA A 258 6.81 -15.50 -1.22
C ALA A 258 8.23 -16.07 -1.28
N VAL A 259 8.96 -16.02 -0.16
CA VAL A 259 10.33 -16.56 -0.08
C VAL A 259 10.38 -18.05 -0.44
N ALA A 260 9.36 -18.80 -0.01
CA ALA A 260 9.25 -20.24 -0.29
C ALA A 260 9.08 -20.57 -1.78
N ARG A 261 8.70 -19.56 -2.57
CA ARG A 261 8.52 -19.70 -4.01
C ARG A 261 9.72 -19.22 -4.84
N ALA A 262 10.62 -18.48 -4.20
CA ALA A 262 11.79 -17.87 -4.87
C ALA A 262 12.95 -18.84 -5.06
#